data_5N3J
#
_entry.id   5N3J
#
_cell.length_a   51.654
_cell.length_b   71.485
_cell.length_c   97.608
_cell.angle_alpha   90.00
_cell.angle_beta   90.00
_cell.angle_gamma   90.00
#
_symmetry.space_group_name_H-M   'P 21 21 21'
#
loop_
_entity.id
_entity.type
_entity.pdbx_description
1 polymer 'cAMP-dependent protein kinase catalytic subunit alpha'
2 non-polymer (4S)-2-METHYL-2,4-PENTANEDIOL
3 non-polymer '4-NITROBENZOIC ACID'
4 non-polymer 'DIMETHYL SULFOXIDE'
5 water water
#
_entity_poly.entity_id   1
_entity_poly.type   'polypeptide(L)'
_entity_poly.pdbx_seq_one_letter_code
;GHMGNAAAAKKG(SEP)EQESVKEFLAKAKEEFLKKWESPSQNTAQLDHFDRIKTLGTGSFGRVMLVKHKETGNHYAMKI
LDKQKVVKLKQIEHTLNEKRILQAVNFPFLVKLEFSFKDNSNLYMVMEYVPGGEMFSHLRRIGRF(SEP)EPHARFYAAQ
IVLTFEYLHSLDLIYRDLKPENLLIDQQGYIQVTDFGFAKRVKGRTW(TPO)LCGTPEYLAPEIILSKGYNKAVDWWALG
VLIYEMAAGYPPFFADQPIQIYEKIVSGKVRFPSHFSSDLKDLLRNLLQVDLTKRFGNLKNGVNDIKNHKWFATTDWIAI
YQRKVEAPFIPKFKGPGDTSNFDDYEEEEIRV(SEP)INEKCGKEFTEF
;
_entity_poly.pdbx_strand_id   A
#
loop_
_chem_comp.id
_chem_comp.type
_chem_comp.name
_chem_comp.formula
4NB non-polymer '4-NITROBENZOIC ACID' 'C7 H5 N O4'
DMS non-polymer 'DIMETHYL SULFOXIDE' 'C2 H6 O S'
MPD non-polymer (4S)-2-METHYL-2,4-PENTANEDIOL 'C6 H14 O2'
#
# COMPACT_ATOMS: atom_id res chain seq x y z
N GLU A 14 12.64 21.16 6.39
CA GLU A 14 13.10 21.71 5.11
C GLU A 14 14.62 21.70 5.01
N GLN A 15 15.28 20.78 5.72
CA GLN A 15 16.73 20.71 5.63
C GLN A 15 17.11 20.48 4.17
N GLU A 16 18.09 21.24 3.70
CA GLU A 16 18.59 21.03 2.35
C GLU A 16 18.88 19.57 2.11
N SER A 17 19.25 18.83 3.14
N SER A 17 19.28 18.84 3.14
CA SER A 17 19.52 17.41 2.95
CA SER A 17 19.50 17.40 3.00
C SER A 17 18.28 16.65 2.45
C SER A 17 18.27 16.72 2.40
N VAL A 18 17.10 16.98 3.00
CA VAL A 18 15.87 16.33 2.55
C VAL A 18 15.51 16.83 1.15
N LYS A 19 15.65 18.14 0.91
CA LYS A 19 15.35 18.68 -0.40
C LYS A 19 16.18 18.01 -1.47
N GLU A 20 17.48 17.86 -1.24
CA GLU A 20 18.35 17.28 -2.25
C GLU A 20 18.07 15.79 -2.41
N PHE A 21 17.75 15.09 -1.32
CA PHE A 21 17.36 13.70 -1.43
C PHE A 21 16.13 13.56 -2.32
N LEU A 22 15.09 14.37 -2.06
CA LEU A 22 13.86 14.24 -2.83
C LEU A 22 14.05 14.70 -4.27
N ALA A 23 14.92 15.67 -4.52
CA ALA A 23 15.18 16.07 -5.90
C ALA A 23 15.80 14.94 -6.69
N LYS A 24 16.76 14.23 -6.08
CA LYS A 24 17.34 13.07 -6.75
C LYS A 24 16.31 11.98 -6.95
N ALA A 25 15.50 11.72 -5.93
CA ALA A 25 14.47 10.70 -6.02
C ALA A 25 13.54 10.99 -7.19
N LYS A 26 13.18 12.25 -7.38
CA LYS A 26 12.28 12.61 -8.46
C LYS A 26 12.95 12.48 -9.82
N GLU A 27 14.22 12.90 -9.92
CA GLU A 27 14.97 12.72 -11.17
C GLU A 27 15.00 11.26 -11.59
N GLU A 28 15.30 10.37 -10.63
CA GLU A 28 15.42 8.96 -10.95
C GLU A 28 14.09 8.37 -11.34
N PHE A 29 13.04 8.75 -10.62
CA PHE A 29 11.68 8.31 -10.97
C PHE A 29 11.33 8.76 -12.38
N LEU A 30 11.57 10.03 -12.70
CA LEU A 30 11.12 10.54 -13.98
C LEU A 30 11.82 9.84 -15.14
N LYS A 31 13.10 9.52 -14.99
CA LYS A 31 13.78 8.82 -16.08
C LYS A 31 13.13 7.48 -16.39
N LYS A 32 12.79 6.73 -15.35
CA LYS A 32 12.11 5.45 -15.56
C LYS A 32 10.66 5.63 -15.99
N TRP A 33 9.99 6.66 -15.48
CA TRP A 33 8.61 6.96 -15.86
C TRP A 33 8.50 7.24 -17.33
N GLU A 34 9.46 7.98 -17.88
CA GLU A 34 9.42 8.35 -19.28
C GLU A 34 9.81 7.21 -20.22
N SER A 35 10.58 6.22 -19.77
CA SER A 35 11.03 5.11 -20.59
C SER A 35 10.83 3.81 -19.82
N PRO A 36 9.57 3.36 -19.68
CA PRO A 36 9.31 2.20 -18.81
C PRO A 36 9.90 0.92 -19.35
N SER A 37 10.31 0.05 -18.43
CA SER A 37 10.70 -1.29 -18.83
C SER A 37 9.47 -2.10 -19.22
N GLN A 38 9.69 -3.10 -20.08
CA GLN A 38 8.63 -3.93 -20.60
C GLN A 38 9.19 -5.30 -20.90
N ASN A 39 8.37 -6.34 -20.70
CA ASN A 39 8.66 -7.67 -21.26
C ASN A 39 10.00 -8.22 -20.78
N THR A 40 10.19 -8.27 -19.46
CA THR A 40 11.48 -8.61 -18.88
C THR A 40 11.56 -10.05 -18.36
N ALA A 41 10.52 -10.85 -18.52
CA ALA A 41 10.55 -12.29 -18.24
C ALA A 41 9.43 -12.93 -19.02
N GLN A 42 9.19 -14.23 -18.79
CA GLN A 42 8.05 -14.92 -19.38
C GLN A 42 7.62 -16.00 -18.40
N LEU A 43 6.39 -16.50 -18.61
CA LEU A 43 5.76 -17.35 -17.61
C LEU A 43 6.54 -18.64 -17.38
N ASP A 44 7.05 -19.27 -18.44
CA ASP A 44 7.72 -20.55 -18.28
C ASP A 44 9.13 -20.44 -17.72
N HIS A 45 9.55 -19.24 -17.28
CA HIS A 45 10.72 -19.10 -16.44
C HIS A 45 10.45 -19.46 -14.99
N PHE A 46 9.18 -19.69 -14.61
CA PHE A 46 8.77 -19.84 -13.23
C PHE A 46 8.00 -21.12 -13.02
N ASP A 47 8.14 -21.68 -11.81
CA ASP A 47 7.29 -22.72 -11.26
C ASP A 47 6.27 -22.09 -10.33
N ARG A 48 5.05 -22.58 -10.39
N ARG A 48 5.01 -22.52 -10.40
CA ARG A 48 3.96 -22.20 -9.51
CA ARG A 48 4.01 -22.06 -9.44
C ARG A 48 4.09 -22.97 -8.18
C ARG A 48 4.04 -22.92 -8.19
N ILE A 49 3.98 -22.25 -7.05
CA ILE A 49 4.02 -22.89 -5.74
C ILE A 49 2.67 -22.89 -5.03
N LYS A 50 2.05 -21.72 -4.86
CA LYS A 50 0.84 -21.63 -4.06
C LYS A 50 0.13 -20.30 -4.37
N THR A 51 -1.19 -20.31 -4.34
CA THR A 51 -1.95 -19.08 -4.45
C THR A 51 -1.96 -18.38 -3.09
N LEU A 52 -1.50 -17.13 -3.06
CA LEU A 52 -1.44 -16.32 -1.84
C LEU A 52 -2.67 -15.43 -1.66
N GLY A 53 -3.39 -15.09 -2.74
CA GLY A 53 -4.57 -14.24 -2.64
C GLY A 53 -5.29 -14.22 -3.97
N THR A 54 -6.58 -13.89 -3.93
CA THR A 54 -7.41 -13.90 -5.14
C THR A 54 -8.44 -12.77 -5.09
N GLY A 55 -8.77 -12.23 -6.26
CA GLY A 55 -9.72 -11.12 -6.39
C GLY A 55 -10.58 -11.24 -7.63
N SER A 56 -11.35 -10.21 -7.94
CA SER A 56 -12.31 -10.28 -9.03
C SER A 56 -11.67 -10.28 -10.41
N PHE A 57 -10.44 -9.76 -10.54
CA PHE A 57 -9.77 -9.76 -11.85
C PHE A 57 -8.35 -10.27 -11.82
N GLY A 58 -7.87 -10.76 -10.69
CA GLY A 58 -6.51 -11.27 -10.64
C GLY A 58 -6.24 -12.06 -9.36
N ARG A 59 -4.97 -12.43 -9.20
CA ARG A 59 -4.52 -13.31 -8.14
C ARG A 59 -3.05 -13.00 -7.88
N VAL A 60 -2.56 -13.41 -6.72
CA VAL A 60 -1.13 -13.37 -6.41
C VAL A 60 -0.69 -14.80 -6.08
N MET A 61 0.38 -15.27 -6.73
N MET A 61 0.40 -15.22 -6.73
CA MET A 61 0.89 -16.60 -6.50
CA MET A 61 0.98 -16.54 -6.63
C MET A 61 2.36 -16.57 -6.15
C MET A 61 2.38 -16.43 -6.02
N LEU A 62 2.73 -17.37 -5.17
CA LEU A 62 4.13 -17.62 -4.91
C LEU A 62 4.68 -18.45 -6.06
N VAL A 63 5.80 -17.99 -6.64
CA VAL A 63 6.46 -18.67 -7.72
C VAL A 63 7.94 -18.78 -7.40
N LYS A 64 8.63 -19.67 -8.10
CA LYS A 64 10.07 -19.83 -8.00
C LYS A 64 10.68 -19.76 -9.38
N HIS A 65 11.68 -18.92 -9.54
CA HIS A 65 12.41 -18.86 -10.79
C HIS A 65 13.23 -20.13 -10.99
N LYS A 66 13.06 -20.77 -12.14
CA LYS A 66 13.61 -22.10 -12.34
C LYS A 66 15.13 -22.11 -12.51
N GLU A 67 15.73 -21.00 -12.89
CA GLU A 67 17.18 -20.95 -13.03
C GLU A 67 17.88 -20.42 -11.79
N THR A 68 17.36 -19.37 -11.15
CA THR A 68 18.04 -18.78 -10.00
C THR A 68 17.60 -19.38 -8.69
N GLY A 69 16.41 -19.97 -8.64
CA GLY A 69 15.86 -20.47 -7.39
C GLY A 69 15.19 -19.42 -6.53
N ASN A 70 15.15 -18.17 -6.97
CA ASN A 70 14.56 -17.13 -6.16
C ASN A 70 13.04 -17.25 -6.17
N HIS A 71 12.44 -16.92 -5.03
CA HIS A 71 10.99 -16.85 -4.89
C HIS A 71 10.51 -15.43 -5.14
N TYR A 72 9.31 -15.32 -5.70
CA TYR A 72 8.64 -14.07 -5.98
C TYR A 72 7.15 -14.21 -5.76
N ALA A 73 6.48 -13.07 -5.59
CA ALA A 73 5.02 -13.00 -5.58
C ALA A 73 4.58 -12.49 -6.95
N MET A 74 3.96 -13.34 -7.75
CA MET A 74 3.55 -12.99 -9.10
C MET A 74 2.08 -12.62 -9.08
N LYS A 75 1.78 -11.37 -9.43
CA LYS A 75 0.42 -10.91 -9.59
C LYS A 75 -0.01 -11.16 -11.03
N ILE A 76 -1.13 -11.83 -11.21
CA ILE A 76 -1.62 -12.24 -12.51
C ILE A 76 -2.98 -11.59 -12.67
N LEU A 77 -3.15 -10.77 -13.70
CA LEU A 77 -4.41 -10.08 -13.96
C LEU A 77 -4.97 -10.58 -15.29
N ASP A 78 -6.24 -10.97 -15.28
CA ASP A 78 -6.91 -11.41 -16.50
C ASP A 78 -7.34 -10.18 -17.30
N LYS A 79 -6.80 -10.02 -18.52
CA LYS A 79 -7.05 -8.80 -19.29
C LYS A 79 -8.54 -8.57 -19.53
N GLN A 80 -9.28 -9.62 -19.84
CA GLN A 80 -10.70 -9.43 -20.13
C GLN A 80 -11.45 -8.95 -18.90
N LYS A 81 -11.06 -9.43 -17.71
CA LYS A 81 -11.73 -9.01 -16.49
C LYS A 81 -11.32 -7.60 -16.10
N VAL A 82 -10.06 -7.24 -16.34
CA VAL A 82 -9.61 -5.87 -16.11
C VAL A 82 -10.47 -4.90 -16.93
N VAL A 83 -10.70 -5.26 -18.20
CA VAL A 83 -11.52 -4.40 -19.06
C VAL A 83 -12.94 -4.32 -18.53
N LYS A 84 -13.54 -5.48 -18.18
CA LYS A 84 -14.92 -5.50 -17.74
C LYS A 84 -15.13 -4.67 -16.48
N LEU A 85 -14.17 -4.69 -15.57
CA LEU A 85 -14.28 -3.98 -14.30
C LEU A 85 -13.70 -2.58 -14.37
N LYS A 86 -13.39 -2.09 -15.58
CA LYS A 86 -13.01 -0.70 -15.82
C LYS A 86 -11.71 -0.35 -15.09
N GLN A 87 -10.78 -1.30 -15.08
CA GLN A 87 -9.49 -1.13 -14.44
C GLN A 87 -8.33 -0.97 -15.42
N ILE A 88 -8.58 -0.65 -16.70
CA ILE A 88 -7.47 -0.58 -17.66
C ILE A 88 -6.45 0.45 -17.22
N GLU A 89 -6.89 1.70 -17.07
CA GLU A 89 -5.96 2.77 -16.72
C GLU A 89 -5.31 2.51 -15.38
N HIS A 90 -6.08 1.99 -14.42
CA HIS A 90 -5.50 1.70 -13.12
C HIS A 90 -4.39 0.67 -13.22
N THR A 91 -4.55 -0.37 -14.07
N THR A 91 -4.58 -0.34 -14.07
CA THR A 91 -3.50 -1.39 -14.17
CA THR A 91 -3.55 -1.39 -14.21
C THR A 91 -2.29 -0.87 -14.93
C THR A 91 -2.31 -0.82 -14.90
N LEU A 92 -2.51 0.00 -15.92
CA LEU A 92 -1.37 0.65 -16.56
C LEU A 92 -0.64 1.59 -15.60
N ASN A 93 -1.40 2.34 -14.79
CA ASN A 93 -0.80 3.15 -13.73
C ASN A 93 0.08 2.29 -12.83
N GLU A 94 -0.51 1.21 -12.33
CA GLU A 94 0.16 0.36 -11.35
C GLU A 94 1.54 -0.07 -11.86
N LYS A 95 1.58 -0.62 -13.08
CA LYS A 95 2.84 -1.15 -13.57
C LYS A 95 3.82 -0.02 -13.90
N ARG A 96 3.34 1.07 -14.52
CA ARG A 96 4.26 2.15 -14.88
C ARG A 96 4.87 2.79 -13.63
N ILE A 97 4.06 2.96 -12.59
CA ILE A 97 4.58 3.51 -11.35
C ILE A 97 5.56 2.55 -10.69
N LEU A 98 5.15 1.28 -10.53
CA LEU A 98 6.00 0.34 -9.81
C LEU A 98 7.36 0.19 -10.44
N GLN A 99 7.44 0.16 -11.78
CA GLN A 99 8.74 -0.01 -12.41
C GLN A 99 9.61 1.22 -12.26
N ALA A 100 9.05 2.35 -11.85
CA ALA A 100 9.79 3.61 -11.73
C ALA A 100 10.16 4.02 -10.32
N VAL A 101 9.58 3.45 -9.28
CA VAL A 101 9.83 3.87 -7.91
C VAL A 101 10.94 3.07 -7.25
N ASN A 102 11.47 3.61 -6.15
CA ASN A 102 12.57 3.02 -5.42
C ASN A 102 12.58 3.63 -4.02
N PHE A 103 12.17 2.87 -3.00
CA PHE A 103 12.15 3.38 -1.65
C PHE A 103 12.19 2.18 -0.69
N PRO A 104 12.78 2.30 0.50
CA PRO A 104 13.01 1.08 1.30
C PRO A 104 11.75 0.35 1.74
N PHE A 105 10.60 1.04 1.77
CA PHE A 105 9.36 0.47 2.26
C PHE A 105 8.34 0.24 1.15
N LEU A 106 8.77 0.30 -0.11
CA LEU A 106 7.92 0.00 -1.25
C LEU A 106 8.36 -1.34 -1.84
N VAL A 107 7.41 -2.24 -2.04
CA VAL A 107 7.74 -3.53 -2.67
C VAL A 107 8.32 -3.30 -4.05
N LYS A 108 9.29 -4.13 -4.40
CA LYS A 108 9.98 -4.01 -5.66
C LYS A 108 9.31 -4.87 -6.73
N LEU A 109 9.09 -4.27 -7.88
CA LEU A 109 8.73 -5.00 -9.10
C LEU A 109 10.01 -5.51 -9.73
N GLU A 110 10.12 -6.83 -9.85
CA GLU A 110 11.33 -7.45 -10.37
C GLU A 110 11.24 -7.76 -11.86
N PHE A 111 10.07 -8.16 -12.35
CA PHE A 111 9.85 -8.41 -13.78
C PHE A 111 8.41 -8.06 -14.11
N SER A 112 8.14 -7.78 -15.39
CA SER A 112 6.76 -7.71 -15.86
C SER A 112 6.70 -8.23 -17.28
N PHE A 113 5.53 -8.73 -17.67
CA PHE A 113 5.31 -9.21 -19.03
C PHE A 113 3.81 -9.47 -19.18
N LYS A 114 3.43 -9.79 -20.40
CA LYS A 114 2.04 -10.10 -20.72
C LYS A 114 2.04 -11.23 -21.74
N ASP A 115 0.88 -11.87 -21.88
CA ASP A 115 0.68 -12.90 -22.88
C ASP A 115 -0.71 -12.73 -23.47
N ASN A 116 -1.20 -13.74 -24.20
CA ASN A 116 -2.47 -13.57 -24.88
C ASN A 116 -3.60 -13.25 -23.90
N SER A 117 -3.52 -13.78 -22.67
CA SER A 117 -4.64 -13.64 -21.74
C SER A 117 -4.40 -12.70 -20.57
N ASN A 118 -3.18 -12.65 -20.04
CA ASN A 118 -2.92 -12.07 -18.73
C ASN A 118 -1.82 -11.02 -18.78
N LEU A 119 -1.81 -10.21 -17.73
CA LEU A 119 -0.73 -9.31 -17.37
C LEU A 119 -0.05 -9.88 -16.13
N TYR A 120 1.27 -9.75 -16.06
CA TYR A 120 2.05 -10.31 -14.96
C TYR A 120 2.97 -9.27 -14.37
N MET A 121 2.92 -9.14 -13.05
CA MET A 121 3.86 -8.31 -12.31
C MET A 121 4.51 -9.20 -11.27
N VAL A 122 5.81 -9.43 -11.42
CA VAL A 122 6.54 -10.34 -10.55
C VAL A 122 7.26 -9.49 -9.52
N MET A 123 6.74 -9.55 -8.29
N MET A 123 6.90 -9.65 -8.25
CA MET A 123 7.11 -8.73 -7.14
CA MET A 123 7.38 -8.77 -7.19
C MET A 123 8.03 -9.52 -6.22
C MET A 123 8.17 -9.54 -6.16
N GLU A 124 8.83 -8.80 -5.44
N GLU A 124 8.89 -8.80 -5.33
CA GLU A 124 9.48 -9.43 -4.29
CA GLU A 124 9.55 -9.42 -4.19
C GLU A 124 8.43 -10.10 -3.43
C GLU A 124 8.52 -10.04 -3.27
N TYR A 125 8.78 -11.28 -2.88
CA TYR A 125 7.92 -11.97 -1.93
C TYR A 125 8.28 -11.55 -0.52
N VAL A 126 7.29 -11.24 0.27
CA VAL A 126 7.45 -10.71 1.62
C VAL A 126 6.85 -11.73 2.57
N PRO A 127 7.66 -12.61 3.16
CA PRO A 127 7.12 -13.85 3.75
C PRO A 127 6.39 -13.66 5.08
N GLY A 128 6.51 -12.50 5.72
CA GLY A 128 5.83 -12.32 6.98
C GLY A 128 4.34 -12.11 6.89
N GLY A 129 3.80 -11.94 5.70
CA GLY A 129 2.38 -11.79 5.56
C GLY A 129 1.89 -10.40 5.90
N GLU A 130 0.57 -10.28 5.85
CA GLU A 130 -0.10 -9.00 6.01
C GLU A 130 -0.05 -8.50 7.45
N MET A 131 0.17 -7.18 7.60
N MET A 131 0.16 -7.19 7.60
CA MET A 131 0.02 -6.56 8.91
CA MET A 131 0.03 -6.60 8.93
C MET A 131 -1.34 -6.92 9.49
C MET A 131 -1.36 -6.84 9.51
N PHE A 132 -2.37 -6.94 8.65
CA PHE A 132 -3.72 -7.24 9.09
C PHE A 132 -3.79 -8.53 9.89
N SER A 133 -3.10 -9.59 9.42
N SER A 133 -3.13 -9.60 9.41
CA SER A 133 -3.14 -10.88 10.12
CA SER A 133 -3.19 -10.85 10.17
C SER A 133 -2.53 -10.77 11.51
C SER A 133 -2.57 -10.69 11.54
N HIS A 134 -1.40 -10.07 11.60
CA HIS A 134 -0.72 -9.89 12.88
C HIS A 134 -1.55 -9.04 13.83
N LEU A 135 -2.17 -7.98 13.31
CA LEU A 135 -3.01 -7.12 14.13
C LEU A 135 -4.16 -7.91 14.70
N ARG A 136 -4.84 -8.67 13.84
CA ARG A 136 -5.98 -9.43 14.30
C ARG A 136 -5.61 -10.54 15.26
N ARG A 137 -4.39 -11.09 15.14
N ARG A 137 -4.43 -11.17 15.07
CA ARG A 137 -3.96 -12.15 16.03
CA ARG A 137 -3.93 -12.13 16.04
C ARG A 137 -3.61 -11.63 17.43
C ARG A 137 -3.83 -11.51 17.42
N ILE A 138 -3.06 -10.43 17.52
CA ILE A 138 -2.69 -9.87 18.82
C ILE A 138 -3.76 -8.95 19.40
N GLY A 139 -4.67 -8.46 18.58
CA GLY A 139 -5.74 -7.60 19.04
C GLY A 139 -5.49 -6.15 18.68
N ARG A 140 -4.47 -5.56 19.30
CA ARG A 140 -4.05 -4.19 18.97
C ARG A 140 -2.57 -4.09 19.20
N PHE A 141 -1.94 -3.13 18.54
CA PHE A 141 -0.54 -2.83 18.73
C PHE A 141 -0.39 -1.74 19.80
N SEP A 142 0.66 -1.82 20.60
CA SEP A 142 0.98 -0.72 21.50
CB SEP A 142 2.19 -1.09 22.38
OG SEP A 142 3.37 -1.17 21.56
C SEP A 142 1.30 0.53 20.70
O SEP A 142 1.57 0.47 19.49
P SEP A 142 4.70 -1.80 22.20
O1P SEP A 142 4.29 -3.30 22.47
O2P SEP A 142 5.79 -1.71 21.12
O3P SEP A 142 5.00 -1.09 23.53
H SEP A 142 1.20 -2.48 20.64
HA SEP A 142 0.22 -0.54 22.09
HB2 SEP A 142 2.03 -1.96 22.80
HB3 SEP A 142 2.32 -0.41 23.06
N GLU A 143 1.29 1.69 21.34
CA GLU A 143 1.58 2.91 20.63
C GLU A 143 2.97 2.91 20.02
N PRO A 144 4.02 2.45 20.73
CA PRO A 144 5.34 2.40 20.08
C PRO A 144 5.35 1.53 18.84
N HIS A 145 4.64 0.40 18.88
CA HIS A 145 4.59 -0.54 17.76
C HIS A 145 3.85 0.09 16.58
N ALA A 146 2.68 0.68 16.84
CA ALA A 146 1.94 1.40 15.80
C ALA A 146 2.79 2.52 15.23
N ARG A 147 3.50 3.25 16.10
CA ARG A 147 4.32 4.39 15.68
C ARG A 147 5.44 3.98 14.76
N PHE A 148 6.09 2.84 15.04
CA PHE A 148 7.13 2.32 14.16
C PHE A 148 6.61 2.13 12.74
N TYR A 149 5.45 1.48 12.60
CA TYR A 149 4.87 1.28 11.27
C TYR A 149 4.41 2.61 10.67
N ALA A 150 3.76 3.44 11.48
CA ALA A 150 3.28 4.73 10.98
C ALA A 150 4.42 5.58 10.44
N ALA A 151 5.58 5.56 11.10
CA ALA A 151 6.71 6.36 10.66
C ALA A 151 7.15 5.94 9.26
N GLN A 152 7.14 4.63 9.00
CA GLN A 152 7.47 4.13 7.67
C GLN A 152 6.48 4.62 6.63
N ILE A 153 5.19 4.64 6.96
CA ILE A 153 4.19 5.14 6.02
C ILE A 153 4.37 6.64 5.80
N VAL A 154 4.66 7.42 6.85
CA VAL A 154 4.88 8.85 6.68
C VAL A 154 6.01 9.09 5.70
N LEU A 155 7.15 8.40 5.88
CA LEU A 155 8.27 8.58 4.97
C LEU A 155 7.93 8.13 3.56
N THR A 156 7.19 7.03 3.43
CA THR A 156 6.82 6.53 2.11
C THR A 156 5.91 7.51 1.38
N PHE A 157 4.94 8.09 2.10
CA PHE A 157 4.07 9.09 1.50
C PHE A 157 4.81 10.38 1.20
N GLU A 158 5.76 10.78 2.03
CA GLU A 158 6.59 11.93 1.68
C GLU A 158 7.27 11.69 0.33
N TYR A 159 7.85 10.49 0.16
CA TYR A 159 8.48 10.11 -1.10
C TYR A 159 7.47 10.14 -2.25
N LEU A 160 6.39 9.37 -2.11
CA LEU A 160 5.43 9.26 -3.21
C LEU A 160 4.85 10.61 -3.59
N HIS A 161 4.43 11.39 -2.60
CA HIS A 161 3.80 12.66 -2.90
C HIS A 161 4.75 13.64 -3.57
N SER A 162 6.04 13.58 -3.23
CA SER A 162 7.02 14.43 -3.88
C SER A 162 7.17 14.11 -5.36
N LEU A 163 6.85 12.89 -5.76
CA LEU A 163 6.84 12.45 -7.14
C LEU A 163 5.51 12.68 -7.82
N ASP A 164 4.60 13.39 -7.16
CA ASP A 164 3.24 13.61 -7.65
C ASP A 164 2.42 12.32 -7.71
N LEU A 165 2.72 11.35 -6.86
CA LEU A 165 1.99 10.10 -6.81
C LEU A 165 1.07 10.08 -5.59
N ILE A 166 -0.17 9.63 -5.79
CA ILE A 166 -1.11 9.34 -4.72
C ILE A 166 -1.29 7.84 -4.66
N TYR A 167 -1.29 7.28 -3.45
CA TYR A 167 -1.33 5.82 -3.29
C TYR A 167 -2.75 5.26 -3.34
N ARG A 168 -3.65 5.82 -2.51
CA ARG A 168 -5.09 5.57 -2.59
C ARG A 168 -5.54 4.18 -2.17
N ASP A 169 -4.71 3.38 -1.51
CA ASP A 169 -5.22 2.11 -1.01
C ASP A 169 -4.57 1.71 0.30
N LEU A 170 -4.31 2.68 1.18
CA LEU A 170 -3.74 2.32 2.49
C LEU A 170 -4.76 1.56 3.32
N LYS A 171 -4.35 0.39 3.81
CA LYS A 171 -5.13 -0.45 4.70
C LYS A 171 -4.21 -1.56 5.17
N PRO A 172 -4.52 -2.22 6.30
CA PRO A 172 -3.55 -3.17 6.86
C PRO A 172 -3.27 -4.36 5.97
N GLU A 173 -4.21 -4.73 5.11
CA GLU A 173 -4.00 -5.88 4.23
C GLU A 173 -2.92 -5.61 3.20
N ASN A 174 -2.62 -4.35 2.91
CA ASN A 174 -1.67 -3.99 1.86
C ASN A 174 -0.27 -3.72 2.39
N LEU A 175 -0.05 -3.90 3.68
CA LEU A 175 1.22 -3.65 4.32
C LEU A 175 1.77 -5.00 4.75
N LEU A 176 2.81 -5.49 4.09
CA LEU A 176 3.36 -6.79 4.41
C LEU A 176 4.56 -6.61 5.31
N ILE A 177 4.81 -7.58 6.18
N ILE A 177 4.81 -7.57 6.20
CA ILE A 177 5.90 -7.51 7.15
CA ILE A 177 5.90 -7.48 7.16
C ILE A 177 7.06 -8.36 6.65
C ILE A 177 7.06 -8.35 6.67
N ASP A 178 8.23 -7.73 6.52
CA ASP A 178 9.39 -8.39 5.95
C ASP A 178 10.22 -9.10 7.01
N GLN A 179 11.32 -9.69 6.56
CA GLN A 179 12.12 -10.55 7.42
C GLN A 179 12.78 -9.79 8.54
N GLN A 180 12.89 -8.47 8.45
CA GLN A 180 13.43 -7.63 9.51
C GLN A 180 12.33 -7.00 10.36
N GLY A 181 11.08 -7.30 10.10
CA GLY A 181 9.97 -6.69 10.81
C GLY A 181 9.54 -5.33 10.30
N TYR A 182 10.08 -4.88 9.18
CA TYR A 182 9.69 -3.61 8.55
C TYR A 182 8.55 -3.84 7.56
N ILE A 183 7.87 -2.74 7.24
N ILE A 183 7.89 -2.76 7.21
CA ILE A 183 6.77 -2.71 6.28
CA ILE A 183 6.72 -2.80 6.33
C ILE A 183 7.29 -2.74 4.86
C ILE A 183 7.15 -2.63 4.89
N GLN A 184 6.53 -3.42 4.01
CA GLN A 184 6.57 -3.24 2.57
C GLN A 184 5.17 -2.90 2.11
N VAL A 185 5.00 -1.73 1.51
CA VAL A 185 3.73 -1.32 0.94
C VAL A 185 3.57 -2.03 -0.38
N THR A 186 2.42 -2.67 -0.54
CA THR A 186 2.09 -3.43 -1.73
C THR A 186 0.76 -2.96 -2.28
N ASP A 187 0.45 -3.44 -3.46
CA ASP A 187 -0.80 -3.21 -4.17
C ASP A 187 -0.95 -1.76 -4.60
N PHE A 188 -0.31 -1.48 -5.73
CA PHE A 188 -0.36 -0.17 -6.37
C PHE A 188 -1.51 -0.06 -7.38
N GLY A 189 -2.54 -0.90 -7.25
CA GLY A 189 -3.64 -0.94 -8.20
C GLY A 189 -4.42 0.34 -8.33
N PHE A 190 -4.42 1.20 -7.31
CA PHE A 190 -5.09 2.49 -7.36
C PHE A 190 -4.12 3.66 -7.38
N ALA A 191 -2.82 3.41 -7.41
CA ALA A 191 -1.87 4.51 -7.36
C ALA A 191 -1.89 5.28 -8.68
N LYS A 192 -1.65 6.59 -8.61
CA LYS A 192 -1.77 7.40 -9.82
C LYS A 192 -0.86 8.60 -9.71
N ARG A 193 -0.29 9.00 -10.85
CA ARG A 193 0.43 10.25 -10.93
C ARG A 193 -0.55 11.39 -11.21
N VAL A 194 -0.63 12.33 -10.27
CA VAL A 194 -1.65 13.37 -10.21
C VAL A 194 -0.95 14.69 -9.89
N LYS A 195 -1.03 15.66 -10.80
CA LYS A 195 -0.72 17.04 -10.49
C LYS A 195 -2.08 17.72 -10.33
N GLY A 196 -2.39 18.13 -9.12
CA GLY A 196 -3.64 18.77 -8.88
C GLY A 196 -4.63 17.78 -8.34
N ARG A 197 -5.73 17.59 -9.04
CA ARG A 197 -6.87 16.85 -8.55
C ARG A 197 -7.09 15.60 -9.39
N THR A 198 -7.80 14.63 -8.80
CA THR A 198 -8.28 13.47 -9.51
C THR A 198 -9.66 13.11 -8.94
N TRP A 199 -10.41 12.27 -9.67
CA TRP A 199 -11.83 12.10 -9.36
C TRP A 199 -12.33 10.66 -9.16
N TPO A 200 -11.52 9.63 -9.41
CA TPO A 200 -12.09 8.30 -9.42
CB TPO A 200 -11.10 7.29 -10.01
CG2 TPO A 200 -11.78 5.96 -10.26
OG1 TPO A 200 -10.63 7.78 -11.27
P TPO A 200 -9.07 8.16 -11.34
O1P TPO A 200 -8.87 8.82 -12.73
O2P TPO A 200 -8.28 6.89 -11.14
O3P TPO A 200 -8.81 9.17 -10.19
C TPO A 200 -12.51 7.85 -8.04
O TPO A 200 -11.76 7.92 -7.07
H TPO A 200 -10.67 9.68 -9.55
HA TPO A 200 -12.88 8.30 -9.99
HB TPO A 200 -10.25 7.16 -9.33
HG21 TPO A 200 -11.07 5.25 -10.68
HG22 TPO A 200 -12.60 6.10 -10.96
HG23 TPO A 200 -12.17 5.56 -9.32
N LEU A 201 -13.66 7.18 -7.95
CA LEU A 201 -14.09 6.53 -6.73
C LEU A 201 -13.34 5.23 -6.61
N CYS A 202 -12.42 5.14 -5.66
CA CYS A 202 -11.68 3.91 -5.43
C CYS A 202 -11.08 3.98 -4.03
N GLY A 203 -10.67 2.82 -3.54
CA GLY A 203 -10.21 2.66 -2.18
C GLY A 203 -10.99 1.56 -1.55
N THR A 204 -10.89 1.43 -0.22
N THR A 204 -10.99 1.55 -0.22
CA THR A 204 -11.70 0.52 0.59
CA THR A 204 -11.67 0.55 0.58
C THR A 204 -12.59 1.34 1.52
C THR A 204 -12.55 1.29 1.57
N PRO A 205 -13.86 0.94 1.72
CA PRO A 205 -14.80 1.82 2.45
C PRO A 205 -14.30 2.43 3.75
N GLU A 206 -13.75 1.63 4.67
N GLU A 206 -13.73 1.61 4.64
CA GLU A 206 -13.40 2.15 5.98
CA GLU A 206 -13.34 2.08 5.95
C GLU A 206 -12.32 3.22 5.92
C GLU A 206 -12.25 3.14 5.89
N TYR A 207 -11.55 3.28 4.83
N TYR A 207 -11.54 3.26 4.78
CA TYR A 207 -10.40 4.15 4.71
CA TYR A 207 -10.38 4.13 4.66
C TYR A 207 -10.64 5.37 3.83
C TYR A 207 -10.61 5.32 3.73
N LEU A 208 -11.83 5.49 3.22
CA LEU A 208 -12.09 6.58 2.28
C LEU A 208 -12.23 7.92 3.00
N ALA A 209 -11.56 8.94 2.46
CA ALA A 209 -11.72 10.29 2.96
C ALA A 209 -13.09 10.84 2.58
N PRO A 210 -13.61 11.81 3.33
CA PRO A 210 -14.93 12.36 3.01
C PRO A 210 -15.03 12.88 1.59
N GLU A 211 -13.96 13.52 1.10
CA GLU A 211 -14.04 14.14 -0.23
C GLU A 211 -14.14 13.08 -1.34
N ILE A 212 -13.65 11.86 -1.10
CA ILE A 212 -13.90 10.77 -2.04
C ILE A 212 -15.38 10.37 -2.01
N ILE A 213 -15.91 10.16 -0.81
CA ILE A 213 -17.31 9.77 -0.65
C ILE A 213 -18.23 10.78 -1.30
N LEU A 214 -17.91 12.05 -1.18
CA LEU A 214 -18.74 13.14 -1.69
C LEU A 214 -18.44 13.49 -3.15
N SER A 215 -17.62 12.70 -3.85
CA SER A 215 -17.45 12.84 -5.30
C SER A 215 -16.77 14.14 -5.71
N LYS A 216 -15.85 14.63 -4.90
CA LYS A 216 -15.11 15.83 -5.20
C LYS A 216 -13.84 15.50 -5.97
N GLY A 217 -13.26 16.53 -6.56
CA GLY A 217 -11.90 16.45 -7.04
C GLY A 217 -10.97 16.49 -5.85
N TYR A 218 -10.19 15.45 -5.67
CA TYR A 218 -9.40 15.29 -4.46
C TYR A 218 -7.92 15.18 -4.79
N ASN A 219 -7.09 15.19 -3.75
N ASN A 219 -7.10 15.17 -3.74
CA ASN A 219 -5.64 15.26 -3.91
CA ASN A 219 -5.64 15.21 -3.94
C ASN A 219 -4.97 14.34 -2.90
C ASN A 219 -4.98 14.34 -2.88
N LYS A 220 -3.68 14.54 -2.69
CA LYS A 220 -2.87 13.69 -1.82
C LYS A 220 -3.38 13.70 -0.38
N ALA A 221 -4.19 14.69 0.00
CA ALA A 221 -4.72 14.70 1.36
C ALA A 221 -5.50 13.45 1.68
N VAL A 222 -6.02 12.73 0.69
CA VAL A 222 -6.74 11.50 0.98
C VAL A 222 -5.82 10.44 1.58
N ASP A 223 -4.53 10.43 1.21
CA ASP A 223 -3.59 9.49 1.79
C ASP A 223 -3.35 9.79 3.26
N TRP A 224 -3.28 11.08 3.62
CA TRP A 224 -3.06 11.47 5.02
C TRP A 224 -4.28 11.13 5.87
N TRP A 225 -5.50 11.31 5.34
CA TRP A 225 -6.69 10.83 6.04
C TRP A 225 -6.57 9.33 6.29
N ALA A 226 -6.22 8.57 5.25
CA ALA A 226 -6.10 7.12 5.39
C ALA A 226 -5.07 6.74 6.44
N LEU A 227 -3.98 7.50 6.52
CA LEU A 227 -3.01 7.25 7.58
C LEU A 227 -3.65 7.40 8.97
N GLY A 228 -4.50 8.42 9.15
CA GLY A 228 -5.22 8.54 10.40
C GLY A 228 -6.04 7.32 10.70
N VAL A 229 -6.75 6.80 9.69
CA VAL A 229 -7.54 5.59 9.88
C VAL A 229 -6.65 4.44 10.29
N LEU A 230 -5.53 4.27 9.59
CA LEU A 230 -4.61 3.18 9.86
C LEU A 230 -4.04 3.25 11.26
N ILE A 231 -3.59 4.45 11.69
CA ILE A 231 -3.03 4.57 13.01
C ILE A 231 -4.07 4.24 14.07
N TYR A 232 -5.29 4.75 13.89
CA TYR A 232 -6.37 4.43 14.82
C TYR A 232 -6.57 2.92 14.88
N GLU A 233 -6.68 2.28 13.72
CA GLU A 233 -6.97 0.85 13.69
C GLU A 233 -5.83 0.04 14.32
N MET A 234 -4.58 0.42 14.05
CA MET A 234 -3.45 -0.27 14.69
C MET A 234 -3.49 -0.16 16.21
N ALA A 235 -3.82 1.02 16.73
CA ALA A 235 -3.76 1.27 18.16
C ALA A 235 -5.00 0.81 18.89
N ALA A 236 -6.15 0.76 18.23
CA ALA A 236 -7.40 0.33 18.85
C ALA A 236 -7.76 -1.12 18.57
N GLY A 237 -7.37 -1.64 17.41
CA GLY A 237 -7.76 -2.96 16.95
C GLY A 237 -8.94 -2.97 15.99
N TYR A 238 -9.54 -1.81 15.73
CA TYR A 238 -10.70 -1.69 14.86
C TYR A 238 -10.65 -0.28 14.30
N PRO A 239 -11.27 -0.05 13.15
CA PRO A 239 -11.17 1.25 12.53
C PRO A 239 -12.17 2.23 13.12
N PRO A 240 -11.93 3.53 12.93
CA PRO A 240 -12.70 4.54 13.65
C PRO A 240 -14.12 4.70 13.19
N PHE A 241 -14.45 4.32 11.96
N PHE A 241 -14.37 4.40 11.92
CA PHE A 241 -15.78 4.61 11.44
CA PHE A 241 -15.69 4.44 11.32
C PHE A 241 -16.56 3.33 11.20
C PHE A 241 -15.95 3.00 10.97
N PHE A 242 -16.19 2.29 11.94
N PHE A 242 -16.35 2.26 11.98
CA PHE A 242 -16.75 0.96 11.72
CA PHE A 242 -16.77 0.89 11.80
C PHE A 242 -18.27 0.99 11.75
C PHE A 242 -18.28 0.83 11.86
N ALA A 243 -18.87 0.23 10.84
CA ALA A 243 -20.30 -0.04 10.83
C ALA A 243 -20.51 -1.28 10.00
N ASP A 244 -21.73 -1.82 10.07
CA ASP A 244 -22.04 -3.09 9.43
C ASP A 244 -22.15 -3.01 7.90
N GLN A 245 -22.59 -1.88 7.36
CA GLN A 245 -22.79 -1.71 5.92
C GLN A 245 -22.06 -0.47 5.43
N PRO A 246 -21.60 -0.46 4.15
CA PRO A 246 -20.84 0.72 3.67
C PRO A 246 -21.57 2.04 3.83
N ILE A 247 -22.85 2.12 3.52
CA ILE A 247 -23.54 3.40 3.63
C ILE A 247 -23.45 3.94 5.06
N GLN A 248 -23.50 3.04 6.05
CA GLN A 248 -23.40 3.48 7.44
C GLN A 248 -21.98 3.94 7.77
N ILE A 249 -20.99 3.27 7.20
CA ILE A 249 -19.61 3.72 7.35
C ILE A 249 -19.46 5.13 6.78
N TYR A 250 -20.02 5.35 5.59
CA TYR A 250 -19.84 6.63 4.91
C TYR A 250 -20.50 7.75 5.68
N GLU A 251 -21.67 7.49 6.27
CA GLU A 251 -22.31 8.50 7.10
C GLU A 251 -21.43 8.89 8.27
N LYS A 252 -20.78 7.90 8.91
CA LYS A 252 -19.89 8.23 10.03
C LYS A 252 -18.67 9.01 9.56
N ILE A 253 -18.09 8.63 8.43
CA ILE A 253 -16.91 9.32 7.91
C ILE A 253 -17.20 10.80 7.68
N VAL A 254 -18.31 11.11 6.99
CA VAL A 254 -18.57 12.50 6.66
C VAL A 254 -19.03 13.33 7.85
N SER A 255 -19.39 12.69 8.97
CA SER A 255 -20.04 13.39 10.08
C SER A 255 -19.13 14.35 10.84
N GLY A 256 -17.83 14.17 10.80
CA GLY A 256 -16.94 14.99 11.58
C GLY A 256 -16.79 14.57 13.03
N LYS A 257 -17.24 13.36 13.39
CA LYS A 257 -17.20 12.84 14.75
C LYS A 257 -16.40 11.56 14.81
N VAL A 258 -15.53 11.45 15.82
CA VAL A 258 -14.78 10.22 16.07
C VAL A 258 -14.69 10.05 17.57
N ARG A 259 -14.76 8.82 18.03
CA ARG A 259 -14.60 8.50 19.44
C ARG A 259 -13.31 7.74 19.62
N PHE A 260 -12.57 8.09 20.63
CA PHE A 260 -11.29 7.46 20.90
C PHE A 260 -11.36 6.59 22.14
N PRO A 261 -10.74 5.41 22.13
CA PRO A 261 -10.62 4.62 23.37
C PRO A 261 -9.88 5.42 24.44
N SER A 262 -10.29 5.23 25.70
N SER A 262 -10.32 5.21 25.69
CA SER A 262 -9.61 5.92 26.78
CA SER A 262 -9.64 5.84 26.82
C SER A 262 -8.16 5.50 26.92
C SER A 262 -8.15 5.54 26.83
N HIS A 263 -7.77 4.33 26.41
CA HIS A 263 -6.36 3.98 26.51
C HIS A 263 -5.47 4.77 25.57
N PHE A 264 -6.02 5.46 24.56
CA PHE A 264 -5.18 6.27 23.70
C PHE A 264 -4.53 7.40 24.51
N SER A 265 -3.27 7.68 24.22
CA SER A 265 -2.62 8.85 24.80
C SER A 265 -3.22 10.14 24.26
N SER A 266 -3.06 11.21 25.01
CA SER A 266 -3.51 12.51 24.54
C SER A 266 -2.81 12.90 23.25
N ASP A 267 -1.51 12.63 23.13
CA ASP A 267 -0.79 12.95 21.91
C ASP A 267 -1.36 12.19 20.72
N LEU A 268 -1.71 10.92 20.91
CA LEU A 268 -2.28 10.14 19.82
C LEU A 268 -3.61 10.73 19.39
N LYS A 269 -4.47 11.06 20.36
CA LYS A 269 -5.76 11.65 20.02
C LYS A 269 -5.59 12.95 19.24
N ASP A 270 -4.66 13.81 19.68
CA ASP A 270 -4.44 15.07 19.00
C ASP A 270 -3.98 14.86 17.55
N LEU A 271 -3.02 13.96 17.34
CA LEU A 271 -2.57 13.69 15.98
C LEU A 271 -3.74 13.19 15.12
N LEU A 272 -4.53 12.27 15.66
CA LEU A 272 -5.62 11.69 14.90
C LEU A 272 -6.71 12.69 14.59
N ARG A 273 -6.99 13.64 15.48
CA ARG A 273 -7.97 14.68 15.15
C ARG A 273 -7.51 15.51 13.96
N ASN A 274 -6.19 15.71 13.82
CA ASN A 274 -5.63 16.49 12.73
C ASN A 274 -5.49 15.72 11.43
N LEU A 275 -5.33 14.39 11.48
CA LEU A 275 -5.35 13.57 10.27
C LEU A 275 -6.78 13.26 9.82
N LEU A 276 -7.66 12.98 10.77
CA LEU A 276 -9.07 12.69 10.49
C LEU A 276 -9.90 13.96 10.49
N GLN A 277 -9.35 14.99 9.89
CA GLN A 277 -9.99 16.29 9.75
C GLN A 277 -10.84 16.25 8.48
N VAL A 278 -12.15 16.44 8.62
N VAL A 278 -12.15 16.40 8.62
CA VAL A 278 -13.03 16.31 7.48
CA VAL A 278 -13.04 16.33 7.47
C VAL A 278 -12.87 17.46 6.49
C VAL A 278 -12.69 17.41 6.46
N ASP A 279 -12.39 18.61 6.93
CA ASP A 279 -12.08 19.72 6.04
C ASP A 279 -10.65 19.51 5.52
N LEU A 280 -10.53 19.12 4.26
CA LEU A 280 -9.22 18.76 3.70
C LEU A 280 -8.27 19.94 3.74
N THR A 281 -8.79 21.18 3.76
CA THR A 281 -7.91 22.34 3.79
C THR A 281 -7.30 22.57 5.17
N LYS A 282 -7.74 21.83 6.18
CA LYS A 282 -7.22 21.91 7.54
C LYS A 282 -6.52 20.63 7.98
N ARG A 283 -6.35 19.67 7.10
CA ARG A 283 -5.85 18.36 7.45
C ARG A 283 -4.32 18.32 7.44
N PHE A 284 -3.75 17.74 8.50
CA PHE A 284 -2.31 17.55 8.53
C PHE A 284 -1.84 16.77 7.31
N GLY A 285 -0.68 17.19 6.80
CA GLY A 285 -0.15 16.68 5.57
C GLY A 285 -0.54 17.51 4.36
N ASN A 286 -1.55 18.36 4.52
CA ASN A 286 -2.07 19.20 3.43
C ASN A 286 -2.01 20.68 3.76
N LEU A 287 -1.26 21.07 4.79
CA LEU A 287 -1.09 22.47 5.14
C LEU A 287 0.22 23.00 4.55
N LYS A 288 0.50 24.28 4.82
CA LYS A 288 1.69 24.88 4.24
C LYS A 288 2.97 24.16 4.63
N ASN A 289 3.04 23.61 5.84
CA ASN A 289 4.25 22.88 6.27
C ASN A 289 4.23 21.41 5.85
N GLY A 290 3.21 20.99 5.13
CA GLY A 290 3.21 19.66 4.54
C GLY A 290 3.46 18.57 5.58
N VAL A 291 4.34 17.63 5.21
CA VAL A 291 4.56 16.46 6.06
C VAL A 291 5.19 16.82 7.38
N ASN A 292 5.85 17.98 7.49
CA ASN A 292 6.54 18.30 8.71
C ASN A 292 5.58 18.56 9.87
N ASP A 293 4.33 18.94 9.61
CA ASP A 293 3.36 19.00 10.71
C ASP A 293 3.15 17.64 11.36
N ILE A 294 3.26 16.56 10.58
CA ILE A 294 3.16 15.21 11.11
C ILE A 294 4.47 14.80 11.77
N LYS A 295 5.60 14.98 11.08
CA LYS A 295 6.87 14.50 11.60
C LYS A 295 7.24 15.19 12.90
N ASN A 296 6.86 16.45 13.07
CA ASN A 296 7.16 17.24 14.25
C ASN A 296 6.12 17.14 15.35
N HIS A 297 5.05 16.38 15.15
CA HIS A 297 4.04 16.25 16.17
C HIS A 297 4.58 15.51 17.39
N LYS A 298 4.10 15.90 18.58
N LYS A 298 4.06 15.86 18.57
CA LYS A 298 4.55 15.25 19.80
CA LYS A 298 4.52 15.26 19.81
C LYS A 298 4.42 13.73 19.77
C LYS A 298 4.34 13.75 19.86
N TRP A 299 3.40 13.17 19.11
CA TRP A 299 3.28 11.71 19.11
C TRP A 299 4.51 11.05 18.49
N PHE A 300 5.20 11.74 17.57
CA PHE A 300 6.41 11.23 16.93
C PHE A 300 7.70 11.73 17.59
N ALA A 301 7.64 12.31 18.79
CA ALA A 301 8.84 12.88 19.40
C ALA A 301 9.97 11.87 19.59
N THR A 302 9.64 10.61 19.84
CA THR A 302 10.67 9.58 20.03
C THR A 302 11.16 8.98 18.71
N THR A 303 10.63 9.39 17.56
CA THR A 303 10.98 8.77 16.29
C THR A 303 12.24 9.39 15.73
N ASP A 304 13.21 8.54 15.41
CA ASP A 304 14.43 8.95 14.72
C ASP A 304 14.19 8.66 13.24
N TRP A 305 13.78 9.69 12.51
CA TRP A 305 13.34 9.51 11.13
C TRP A 305 14.45 8.93 10.25
N ILE A 306 15.69 9.42 10.41
CA ILE A 306 16.78 8.90 9.61
C ILE A 306 17.05 7.44 9.94
N ALA A 307 17.03 7.08 11.23
CA ALA A 307 17.31 5.71 11.62
C ALA A 307 16.25 4.77 11.07
N ILE A 308 14.99 5.21 11.04
CA ILE A 308 13.93 4.39 10.42
C ILE A 308 14.23 4.19 8.94
N TYR A 309 14.50 5.28 8.23
CA TYR A 309 14.82 5.18 6.80
C TYR A 309 15.99 4.22 6.56
N GLN A 310 17.02 4.30 7.39
CA GLN A 310 18.21 3.46 7.23
C GLN A 310 18.00 2.05 7.77
N ARG A 311 16.82 1.75 8.31
CA ARG A 311 16.50 0.42 8.84
C ARG A 311 17.45 0.01 9.96
N LYS A 312 17.79 0.98 10.81
CA LYS A 312 18.67 0.72 11.95
C LYS A 312 17.91 0.54 13.26
N VAL A 313 16.61 0.77 13.28
CA VAL A 313 15.80 0.55 14.48
C VAL A 313 15.40 -0.93 14.55
N GLU A 314 15.55 -1.53 15.72
CA GLU A 314 15.05 -2.90 15.91
C GLU A 314 13.52 -2.89 15.89
N ALA A 315 12.95 -3.77 15.10
CA ALA A 315 11.51 -3.78 14.91
C ALA A 315 10.76 -4.34 16.12
N PRO A 316 9.47 -4.01 16.22
CA PRO A 316 8.64 -4.57 17.30
C PRO A 316 8.59 -6.08 17.33
N PHE A 317 8.54 -6.74 16.16
CA PHE A 317 8.63 -8.20 16.11
C PHE A 317 9.07 -8.60 14.73
N ILE A 318 9.71 -9.75 14.70
CA ILE A 318 10.11 -10.44 13.49
C ILE A 318 9.05 -11.51 13.25
N PRO A 319 8.42 -11.53 12.09
CA PRO A 319 7.43 -12.58 11.83
C PRO A 319 8.10 -13.95 11.91
N LYS A 320 7.33 -14.93 12.30
CA LYS A 320 7.82 -16.30 12.36
C LYS A 320 7.63 -16.96 11.01
N PHE A 321 8.73 -17.39 10.42
CA PHE A 321 8.68 -18.08 9.13
C PHE A 321 10.00 -18.82 9.02
N LYS A 322 10.02 -19.84 8.15
CA LYS A 322 11.15 -20.76 8.08
C LYS A 322 12.14 -20.43 6.97
N GLY A 323 11.76 -19.61 6.01
CA GLY A 323 12.60 -19.33 4.88
C GLY A 323 11.81 -18.66 3.79
N PRO A 324 12.48 -18.31 2.68
CA PRO A 324 11.82 -17.56 1.60
C PRO A 324 10.74 -18.30 0.85
N GLY A 325 10.59 -19.61 1.01
CA GLY A 325 9.49 -20.32 0.41
C GLY A 325 8.39 -20.64 1.38
N ASP A 326 8.44 -20.14 2.62
N ASP A 326 8.47 -20.14 2.62
CA ASP A 326 7.44 -20.49 3.60
CA ASP A 326 7.46 -20.39 3.63
C ASP A 326 6.21 -19.61 3.37
C ASP A 326 6.20 -19.58 3.31
N THR A 327 5.06 -20.26 3.25
CA THR A 327 3.78 -19.58 3.03
C THR A 327 2.89 -19.58 4.27
N SER A 328 3.42 -19.94 5.43
N SER A 328 3.41 -19.93 5.44
CA SER A 328 2.59 -20.11 6.62
CA SER A 328 2.58 -20.12 6.62
C SER A 328 1.83 -18.85 7.02
C SER A 328 1.91 -18.84 7.15
N ASN A 329 2.38 -17.66 6.75
CA ASN A 329 1.74 -16.42 7.15
C ASN A 329 0.70 -15.93 6.16
N PHE A 330 0.43 -16.71 5.12
CA PHE A 330 -0.63 -16.45 4.18
C PHE A 330 -1.67 -17.57 4.30
N ASP A 331 -2.85 -17.34 3.76
N ASP A 331 -2.86 -17.31 3.75
CA ASP A 331 -3.95 -18.27 3.96
CA ASP A 331 -4.01 -18.18 3.93
C ASP A 331 -4.25 -19.04 2.68
C ASP A 331 -4.11 -19.20 2.80
N ASP A 332 -5.20 -19.96 2.77
CA ASP A 332 -5.40 -20.99 1.78
C ASP A 332 -6.55 -20.65 0.86
N TYR A 333 -6.29 -20.81 -0.43
CA TYR A 333 -7.24 -20.51 -1.50
C TYR A 333 -7.29 -21.70 -2.45
N GLU A 334 -8.44 -21.86 -3.11
CA GLU A 334 -8.55 -22.86 -4.17
C GLU A 334 -7.49 -22.59 -5.24
N GLU A 335 -6.80 -23.64 -5.68
CA GLU A 335 -5.76 -23.52 -6.70
C GLU A 335 -6.39 -23.65 -8.07
N GLU A 336 -6.35 -22.56 -8.87
CA GLU A 336 -6.93 -22.51 -10.21
C GLU A 336 -5.84 -22.39 -11.27
N GLU A 337 -6.15 -22.87 -12.50
CA GLU A 337 -5.21 -22.83 -13.63
C GLU A 337 -4.77 -21.40 -13.99
N ILE A 338 -3.58 -21.27 -14.60
CA ILE A 338 -3.15 -20.06 -15.29
C ILE A 338 -3.24 -20.41 -16.78
N ARG A 339 -4.42 -20.21 -17.33
CA ARG A 339 -4.65 -20.56 -18.72
C ARG A 339 -4.31 -19.38 -19.63
N VAL A 340 -3.69 -19.69 -20.77
CA VAL A 340 -3.30 -18.69 -21.73
C VAL A 340 -3.98 -19.04 -23.05
N SEP A 341 -4.84 -18.15 -23.51
CA SEP A 341 -5.61 -18.39 -24.71
CB SEP A 341 -6.59 -17.23 -24.95
OG SEP A 341 -7.26 -17.36 -26.22
C SEP A 341 -4.69 -18.54 -25.92
O SEP A 341 -3.57 -18.02 -25.95
P SEP A 341 -8.55 -18.33 -26.26
O1P SEP A 341 -9.34 -17.79 -27.50
O2P SEP A 341 -7.94 -19.77 -26.48
O3P SEP A 341 -9.41 -18.20 -24.91
H SEP A 341 -5.00 -17.38 -23.15
HA SEP A 341 -6.12 -19.22 -24.61
HB2 SEP A 341 -6.10 -16.40 -24.94
HB3 SEP A 341 -7.26 -17.24 -24.25
N ILE A 342 -5.19 -19.29 -26.89
CA ILE A 342 -4.53 -19.42 -28.18
C ILE A 342 -4.62 -18.12 -29.00
N ASN A 343 -5.54 -17.23 -28.64
CA ASN A 343 -5.77 -15.97 -29.33
C ASN A 343 -5.47 -14.79 -28.42
N GLU A 344 -4.85 -13.74 -28.95
CA GLU A 344 -4.57 -12.57 -28.16
C GLU A 344 -5.85 -11.85 -27.78
N LYS A 345 -6.00 -11.52 -26.48
CA LYS A 345 -7.13 -10.75 -25.98
C LYS A 345 -6.71 -9.34 -25.60
N CYS A 346 -7.53 -8.36 -25.98
CA CYS A 346 -7.39 -6.99 -25.48
C CYS A 346 -5.99 -6.43 -25.76
N GLY A 347 -5.43 -6.78 -26.91
CA GLY A 347 -4.07 -6.33 -27.20
C GLY A 347 -3.94 -4.82 -27.25
N LYS A 348 -4.90 -4.16 -27.88
CA LYS A 348 -4.81 -2.70 -28.04
C LYS A 348 -4.83 -2.00 -26.68
N GLU A 349 -5.74 -2.42 -25.79
CA GLU A 349 -5.89 -1.76 -24.51
C GLU A 349 -4.60 -1.78 -23.71
N PHE A 350 -3.82 -2.85 -23.85
CA PHE A 350 -2.65 -3.07 -22.99
C PHE A 350 -1.34 -2.93 -23.75
N THR A 351 -1.35 -2.24 -24.89
CA THR A 351 -0.14 -2.06 -25.68
C THR A 351 1.04 -1.58 -24.85
N GLU A 352 0.82 -0.58 -23.97
CA GLU A 352 1.95 -0.01 -23.25
C GLU A 352 2.48 -0.88 -22.11
N PHE A 353 1.76 -1.92 -21.72
CA PHE A 353 2.20 -2.71 -20.57
C PHE A 353 3.44 -3.50 -20.95
C1 MPD B . 15.92 9.87 4.09
C2 MPD B . 14.74 10.84 4.25
O2 MPD B . 14.11 10.52 5.51
CM MPD B . 15.22 12.29 4.33
C3 MPD B . 13.79 10.62 3.08
C4 MPD B . 12.42 11.26 3.22
O4 MPD B . 12.53 12.61 2.85
C5 MPD B . 11.38 10.56 2.35
H11 MPD B . 15.78 9.28 3.19
H12 MPD B . 16.85 10.44 4.01
H13 MPD B . 15.98 9.22 4.95
HO2 MPD B . 13.19 10.22 5.35
HM1 MPD B . 14.77 12.86 3.53
HM2 MPD B . 16.30 12.33 4.23
HM3 MPD B . 14.92 12.72 5.29
H31 MPD B . 14.26 11.00 2.17
H32 MPD B . 13.66 9.54 2.95
H4 MPD B . 12.11 11.18 4.26
HO4 MPD B . 12.56 13.17 3.66
H51 MPD B . 10.97 11.29 1.64
H52 MPD B . 11.85 9.75 1.81
H53 MPD B . 10.58 10.17 2.98
C 4NB C . 1.25 -6.51 -4.57
O1 4NB C . 2.01 -5.55 -4.81
O2 4NB C . 0.04 -6.56 -4.86
C1 4NB C . 1.85 -7.67 -3.81
C2 4NB C . 1.03 -8.64 -3.23
C3 4NB C . 1.59 -9.67 -2.50
C4 4NB C . 2.96 -9.71 -2.33
C5 4NB C . 3.79 -8.77 -2.89
C6 4NB C . 3.23 -7.75 -3.64
N 4NB C . 3.55 -10.78 -1.50
O1' 4NB C . 2.83 -11.72 -1.17
O2' 4NB C . 4.75 -10.72 -1.20
H2 4NB C . -0.04 -8.57 -3.37
H3 4NB C . 0.92 -10.42 -2.06
H5 4NB C . 4.88 -8.80 -2.76
H6 4NB C . 3.86 -6.99 -4.09
S DMS D . 17.64 8.23 -3.50
O DMS D . 16.32 7.97 -4.13
C1 DMS D . 18.95 7.77 -4.66
C2 DMS D . 17.88 10.02 -3.33
H11 DMS D . 19.90 8.03 -4.25
H12 DMS D . 18.91 6.73 -4.83
H13 DMS D . 18.81 8.29 -5.57
H21 DMS D . 18.86 10.21 -2.96
H22 DMS D . 17.78 10.47 -4.28
H23 DMS D . 17.16 10.41 -2.67
S DMS E . -0.27 5.87 -17.99
O DMS E . 0.87 5.65 -18.89
C1 DMS E . 0.07 4.89 -16.53
C2 DMS E . -0.24 7.55 -17.34
H11 DMS E . -0.68 5.07 -15.80
H12 DMS E . 1.01 5.14 -16.14
H13 DMS E . 0.05 3.86 -16.79
H21 DMS E . 0.70 7.73 -16.87
H22 DMS E . -0.38 8.24 -18.13
H23 DMS E . -1.01 7.67 -16.63
#